data_6SFH
#
_entry.id   6SFH
#
_cell.length_a   76.934
_cell.length_b   36.148
_cell.length_c   85.599
_cell.angle_alpha   90.000
_cell.angle_beta   99.950
_cell.angle_gamma   90.000
#
_symmetry.space_group_name_H-M   'P 1 2 1'
#
loop_
_entity.id
_entity.type
_entity.pdbx_description
1 polymer '3-dehydroquinate dehydratase'
2 non-polymer '(1~{S},3~{S},4~{S},5~{R})-3-(aminomethyl)-3,4,5-tris(hydroxyl)cyclohexane-1-carboxylic acid'
3 non-polymer 'SULFATE ION'
4 non-polymer 'LITHIUM ION'
5 water water
#
_entity_poly.entity_id   1
_entity_poly.type   'polypeptide(L)'
_entity_poly.pdbx_seq_one_letter_code
;MTHVEVVATIAPQLYIEETLIQKINHRIDAIDVLELRIDQIENVTVNQVAEMITKLKVMQDSFKLLVTYRTKLQGGYGQF
TNDLYLNLISDLANINGIDMIDIEWQADIDIEKHQRIITHLQQYNKEVVISHHNFESTPPLDELQFIFFKMQKFNPEYVK
LAVMPHNKNDVLNLLQAMSTFSDTMDCKVVGISMSKLGLISRTAQGVFGGALTYGCIGEPQAPGQIDVTDLKAQVTLY
;
_entity_poly.pdbx_strand_id   A,B
#
# COMPACT_ATOMS: atom_id res chain seq x y z
N THR A 2 7.49 12.10 5.11
CA THR A 2 6.19 12.45 5.70
C THR A 2 5.87 11.59 6.92
N HIS A 3 5.56 12.26 8.03
CA HIS A 3 5.02 11.63 9.22
CA HIS A 3 5.02 11.60 9.21
C HIS A 3 3.50 11.86 9.22
N VAL A 4 2.74 10.80 9.05
CA VAL A 4 1.30 10.95 8.93
C VAL A 4 0.68 11.07 10.32
N GLU A 5 -0.24 12.01 10.46
CA GLU A 5 -1.02 12.12 11.68
C GLU A 5 -2.29 11.28 11.57
N VAL A 6 -2.58 10.53 12.64
CA VAL A 6 -3.71 9.62 12.67
C VAL A 6 -4.93 10.34 13.30
N VAL A 7 -6.03 10.36 12.56
CA VAL A 7 -7.25 10.99 12.98
C VAL A 7 -8.24 9.94 13.41
N ALA A 8 -8.80 10.10 14.63
CA ALA A 8 -9.84 9.18 15.13
C ALA A 8 -11.19 9.83 14.97
N THR A 9 -12.06 9.27 14.11
CA THR A 9 -13.36 9.82 13.91
C THR A 9 -14.40 9.34 14.93
N ILE A 10 -15.05 10.28 15.63
CA ILE A 10 -16.23 9.98 16.50
C ILE A 10 -17.49 10.76 16.07
N ALA A 11 -18.65 10.23 16.43
CA ALA A 11 -19.93 10.76 15.95
C ALA A 11 -21.02 10.61 17.03
N PRO A 12 -20.79 11.27 18.17
CA PRO A 12 -21.66 11.01 19.34
C PRO A 12 -22.97 11.78 19.24
N GLN A 13 -23.93 11.42 20.09
CA GLN A 13 -25.11 12.27 20.28
C GLN A 13 -24.73 13.46 21.20
N LEU A 14 -25.67 14.39 21.44
CA LEU A 14 -25.37 15.66 22.10
C LEU A 14 -24.68 15.47 23.44
N TYR A 15 -25.03 14.39 24.13
CA TYR A 15 -24.41 14.05 25.39
C TYR A 15 -23.40 12.93 25.19
N ILE A 16 -22.13 13.27 25.33
CA ILE A 16 -21.08 12.31 25.10
C ILE A 16 -20.94 11.45 26.35
N GLU A 17 -20.99 10.15 26.16
CA GLU A 17 -20.98 9.23 27.31
C GLU A 17 -19.54 8.94 27.79
N GLU A 18 -19.38 8.79 29.11
CA GLU A 18 -18.09 8.50 29.74
C GLU A 18 -17.38 7.28 29.10
N THR A 19 -18.15 6.29 28.67
CA THR A 19 -17.61 5.13 27.97
C THR A 19 -16.80 5.48 26.70
N LEU A 20 -17.29 6.45 25.92
CA LEU A 20 -16.57 6.90 24.73
C LEU A 20 -15.26 7.54 25.13
N ILE A 21 -15.32 8.41 26.15
CA ILE A 21 -14.16 9.14 26.63
C ILE A 21 -13.09 8.16 27.07
N GLN A 22 -13.53 7.07 27.70
CA GLN A 22 -12.62 6.01 28.16
C GLN A 22 -11.98 5.27 26.98
N LYS A 23 -12.73 4.99 25.94
CA LYS A 23 -12.19 4.40 24.70
C LYS A 23 -11.13 5.27 24.03
N ILE A 24 -11.36 6.58 24.02
CA ILE A 24 -10.40 7.53 23.46
C ILE A 24 -9.12 7.55 24.27
N ASN A 25 -9.28 7.69 25.59
CA ASN A 25 -8.14 7.68 26.51
C ASN A 25 -7.32 6.36 26.38
N HIS A 26 -7.98 5.24 26.17
CA HIS A 26 -7.30 3.96 25.98
C HIS A 26 -6.46 3.91 24.71
N ARG A 27 -6.79 4.78 23.75
CA ARG A 27 -6.08 4.86 22.47
C ARG A 27 -5.31 6.16 22.28
N ILE A 28 -5.03 6.84 23.37
CA ILE A 28 -4.38 8.13 23.32
C ILE A 28 -3.06 8.17 22.54
N ASP A 29 -2.26 7.11 22.60
CA ASP A 29 -0.98 7.10 21.90
C ASP A 29 -1.17 6.98 20.38
N ALA A 30 -2.32 6.47 19.96
CA ALA A 30 -2.57 6.30 18.54
C ALA A 30 -3.25 7.51 17.90
N ILE A 31 -3.75 8.43 18.72
CA ILE A 31 -4.59 9.52 18.23
C ILE A 31 -3.82 10.84 18.19
N ASP A 32 -3.58 11.34 16.97
CA ASP A 32 -2.99 12.65 16.83
C ASP A 32 -4.06 13.77 16.70
N VAL A 33 -5.18 13.42 16.08
CA VAL A 33 -6.28 14.33 15.91
C VAL A 33 -7.55 13.59 16.28
N LEU A 34 -8.40 14.21 17.10
CA LEU A 34 -9.72 13.70 17.33
C LEU A 34 -10.69 14.49 16.44
N GLU A 35 -11.34 13.79 15.53
CA GLU A 35 -12.34 14.37 14.65
C GLU A 35 -13.74 14.19 15.24
N LEU A 36 -14.28 15.26 15.81
CA LEU A 36 -15.65 15.30 16.30
C LEU A 36 -16.58 15.64 15.11
N ARG A 37 -17.20 14.59 14.55
CA ARG A 37 -18.26 14.76 13.57
C ARG A 37 -19.47 15.33 14.32
N ILE A 38 -20.18 16.26 13.67
CA ILE A 38 -21.38 16.91 14.27
C ILE A 38 -22.64 16.92 13.39
N ASP A 39 -22.51 16.49 12.14
CA ASP A 39 -23.65 16.49 11.21
C ASP A 39 -24.78 15.53 11.61
N GLN A 40 -24.46 14.56 12.45
CA GLN A 40 -25.45 13.63 12.95
C GLN A 40 -26.32 14.25 14.04
N ILE A 41 -26.05 15.49 14.43
CA ILE A 41 -26.91 16.19 15.41
C ILE A 41 -27.79 17.14 14.64
N GLU A 42 -29.06 16.76 14.49
CA GLU A 42 -30.05 17.59 13.74
C GLU A 42 -30.13 18.97 14.43
N ASN A 43 -30.12 20.01 13.61
CA ASN A 43 -30.15 21.41 14.05
C ASN A 43 -29.09 21.80 15.08
N VAL A 44 -27.91 21.22 14.97
CA VAL A 44 -26.83 21.54 15.90
C VAL A 44 -26.38 23.03 15.91
N THR A 45 -26.12 23.53 17.11
CA THR A 45 -25.64 24.88 17.29
C THR A 45 -24.22 24.92 17.84
N VAL A 46 -23.56 26.05 17.61
CA VAL A 46 -22.27 26.32 18.23
C VAL A 46 -22.30 26.09 19.73
N ASN A 47 -23.39 26.40 20.40
CA ASN A 47 -23.44 26.19 21.88
C ASN A 47 -23.40 24.71 22.24
N GLN A 48 -24.07 23.90 21.45
CA GLN A 48 -24.12 22.50 21.69
C GLN A 48 -22.79 21.89 21.35
N VAL A 49 -22.16 22.33 20.25
CA VAL A 49 -20.80 21.87 19.98
C VAL A 49 -19.87 22.24 21.13
N ALA A 50 -19.93 23.48 21.66
CA ALA A 50 -19.04 23.84 22.77
C ALA A 50 -19.28 22.96 23.98
N GLU A 51 -20.54 22.58 24.24
CA GLU A 51 -20.88 21.72 25.38
C GLU A 51 -20.25 20.35 25.22
N MET A 52 -20.30 19.82 24.00
CA MET A 52 -19.74 18.48 23.73
C MET A 52 -18.21 18.50 23.89
N ILE A 53 -17.58 19.56 23.42
CA ILE A 53 -16.14 19.70 23.55
C ILE A 53 -15.71 19.73 25.00
N THR A 54 -16.46 20.45 25.85
CA THR A 54 -16.14 20.49 27.28
CA THR A 54 -16.14 20.49 27.28
C THR A 54 -16.28 19.07 27.87
N LYS A 55 -17.31 18.35 27.43
CA LYS A 55 -17.58 16.99 27.91
C LYS A 55 -16.47 15.99 27.54
N LEU A 56 -15.77 16.24 26.43
CA LEU A 56 -14.60 15.42 26.08
C LEU A 56 -13.46 15.61 27.04
N LYS A 57 -13.43 16.76 27.71
CA LYS A 57 -12.34 17.15 28.59
C LYS A 57 -11.03 16.74 27.96
N VAL A 58 -10.68 17.50 26.93
CA VAL A 58 -9.49 17.26 26.17
C VAL A 58 -8.30 17.69 27.02
N MET A 59 -7.31 16.83 27.15
CA MET A 59 -6.17 17.14 28.03
C MET A 59 -5.11 17.85 27.22
N GLN A 60 -4.33 18.69 27.90
CA GLN A 60 -3.31 19.48 27.22
C GLN A 60 -2.30 18.54 26.59
N ASP A 61 -1.93 18.87 25.36
CA ASP A 61 -0.88 18.18 24.60
C ASP A 61 -1.18 16.72 24.21
N SER A 62 -2.45 16.34 24.17
CA SER A 62 -2.83 14.95 23.82
C SER A 62 -3.14 14.71 22.30
N PHE A 63 -4.10 15.47 21.80
CA PHE A 63 -4.41 15.48 20.37
C PHE A 63 -4.99 16.82 19.97
N LYS A 64 -4.93 17.13 18.68
CA LYS A 64 -5.64 18.30 18.17
C LYS A 64 -7.13 17.91 18.02
N LEU A 65 -8.03 18.89 18.16
CA LEU A 65 -9.45 18.69 17.97
C LEU A 65 -9.88 19.30 16.63
N LEU A 66 -10.39 18.46 15.76
CA LEU A 66 -11.01 18.84 14.50
C LEU A 66 -12.51 18.70 14.61
N VAL A 67 -13.27 19.71 14.16
CA VAL A 67 -14.71 19.62 14.13
C VAL A 67 -15.17 19.61 12.68
N THR A 68 -16.01 18.62 12.37
CA THR A 68 -16.45 18.42 11.01
C THR A 68 -17.97 18.27 10.93
N TYR A 69 -18.61 19.16 10.16
CA TYR A 69 -19.98 18.96 9.79
C TYR A 69 -20.01 18.48 8.32
N ARG A 70 -20.21 17.21 8.10
CA ARG A 70 -20.27 16.62 6.80
C ARG A 70 -21.70 16.65 6.24
N THR A 71 -21.89 17.34 5.12
CA THR A 71 -23.20 17.49 4.57
C THR A 71 -23.68 16.24 3.89
N LYS A 72 -25.01 16.09 3.83
CA LYS A 72 -25.61 14.90 3.27
C LYS A 72 -25.14 14.66 1.83
N LEU A 73 -25.08 15.72 1.04
CA LEU A 73 -24.66 15.64 -0.34
C LEU A 73 -23.16 15.25 -0.53
N GLN A 74 -22.32 15.44 0.51
CA GLN A 74 -20.95 14.91 0.48
C GLN A 74 -20.83 13.66 1.31
N GLY A 75 -21.95 13.00 1.61
CA GLY A 75 -21.90 11.65 2.15
C GLY A 75 -22.05 11.57 3.66
N GLY A 76 -22.33 12.69 4.31
CA GLY A 76 -22.65 12.71 5.74
C GLY A 76 -24.15 12.65 5.98
N TYR A 77 -24.51 13.10 7.19
CA TYR A 77 -25.90 13.23 7.64
C TYR A 77 -26.49 14.65 7.60
N GLY A 78 -25.67 15.68 7.44
CA GLY A 78 -26.10 17.04 7.68
C GLY A 78 -27.08 17.61 6.68
N GLN A 79 -28.26 18.02 7.16
CA GLN A 79 -29.36 18.48 6.32
CA GLN A 79 -29.32 18.50 6.27
C GLN A 79 -29.43 20.01 6.28
N PHE A 80 -28.43 20.71 6.81
CA PHE A 80 -28.53 22.17 6.85
C PHE A 80 -28.57 22.63 5.41
N THR A 81 -29.33 23.69 5.17
CA THR A 81 -29.14 24.44 3.95
C THR A 81 -27.73 25.02 3.88
N ASN A 82 -27.30 25.48 2.71
CA ASN A 82 -25.94 26.00 2.53
C ASN A 82 -25.68 27.21 3.45
N ASP A 83 -26.64 28.12 3.57
CA ASP A 83 -26.38 29.29 4.41
C ASP A 83 -26.23 28.92 5.84
N LEU A 84 -27.06 28.01 6.36
CA LEU A 84 -26.98 27.62 7.75
C LEU A 84 -25.66 26.90 8.00
N TYR A 85 -25.32 26.00 7.08
CA TYR A 85 -24.01 25.32 7.10
C TYR A 85 -22.84 26.28 7.19
N LEU A 86 -22.73 27.20 6.24
CA LEU A 86 -21.64 28.15 6.26
C LEU A 86 -21.65 29.07 7.50
N ASN A 87 -22.83 29.46 7.98
CA ASN A 87 -22.92 30.19 9.24
C ASN A 87 -22.38 29.34 10.40
N LEU A 88 -22.71 28.06 10.43
CA LEU A 88 -22.10 27.16 11.43
C LEU A 88 -20.58 27.14 11.36
N ILE A 89 -20.04 26.90 10.18
CA ILE A 89 -18.60 26.83 10.01
C ILE A 89 -17.94 28.10 10.55
N SER A 90 -18.43 29.25 10.09
CA SER A 90 -17.94 30.53 10.60
C SER A 90 -18.04 30.67 12.13
N ASP A 91 -19.15 30.24 12.74
CA ASP A 91 -19.28 30.40 14.19
C ASP A 91 -18.31 29.51 14.98
N LEU A 92 -17.81 28.44 14.36
CA LEU A 92 -16.89 27.53 15.05
C LEU A 92 -15.57 28.23 15.47
N ALA A 93 -15.20 29.28 14.74
CA ALA A 93 -14.03 30.08 15.07
C ALA A 93 -14.03 30.58 16.50
N ASN A 94 -15.21 30.83 17.06
CA ASN A 94 -15.35 31.33 18.43
C ASN A 94 -15.13 30.30 19.52
N ILE A 95 -14.91 29.04 19.19
CA ILE A 95 -14.72 28.02 20.24
C ILE A 95 -13.25 27.75 20.46
N ASN A 96 -12.75 28.10 21.64
CA ASN A 96 -11.33 28.09 21.88
C ASN A 96 -10.70 26.72 21.72
N GLY A 97 -11.43 25.67 22.11
CA GLY A 97 -10.89 24.32 22.15
C GLY A 97 -10.77 23.65 20.79
N ILE A 98 -11.35 24.27 19.77
CA ILE A 98 -11.20 23.74 18.42
C ILE A 98 -9.85 24.16 17.86
N ASP A 99 -9.14 23.20 17.29
CA ASP A 99 -7.86 23.49 16.65
C ASP A 99 -8.00 23.53 15.12
N MET A 100 -8.88 22.68 14.56
CA MET A 100 -9.00 22.48 13.12
C MET A 100 -10.48 22.43 12.75
N ILE A 101 -10.81 22.92 11.55
CA ILE A 101 -12.18 22.97 11.06
C ILE A 101 -12.19 22.51 9.63
N ASP A 102 -13.09 21.56 9.30
CA ASP A 102 -13.35 21.10 7.95
C ASP A 102 -14.41 21.99 7.28
N ILE A 103 -14.10 22.44 6.08
CA ILE A 103 -15.07 23.11 5.24
C ILE A 103 -15.09 22.43 3.90
N GLU A 104 -16.29 22.24 3.39
CA GLU A 104 -16.40 21.51 2.11
C GLU A 104 -16.23 22.36 0.83
N TRP A 105 -15.55 21.79 -0.15
CA TRP A 105 -15.47 22.36 -1.50
C TRP A 105 -16.37 21.57 -2.45
N GLN A 106 -17.01 22.28 -3.38
CA GLN A 106 -17.72 21.62 -4.48
C GLN A 106 -17.84 22.65 -5.61
N ALA A 107 -18.25 22.23 -6.80
CA ALA A 107 -18.18 23.15 -7.96
C ALA A 107 -18.98 24.45 -7.78
N ASP A 108 -20.12 24.37 -7.10
CA ASP A 108 -21.08 25.50 -7.01
C ASP A 108 -20.86 26.47 -5.85
N ILE A 109 -19.70 26.43 -5.22
CA ILE A 109 -19.50 27.29 -4.07
C ILE A 109 -19.42 28.75 -4.52
N ASP A 110 -19.83 29.65 -3.64
CA ASP A 110 -19.52 31.08 -3.78
C ASP A 110 -18.07 31.28 -3.35
N ILE A 111 -17.17 31.52 -4.31
CA ILE A 111 -15.74 31.56 -3.99
C ILE A 111 -15.35 32.66 -3.03
N GLU A 112 -15.80 33.89 -3.30
CA GLU A 112 -15.42 35.01 -2.47
C GLU A 112 -15.93 34.82 -1.03
N LYS A 113 -17.13 34.27 -0.88
CA LYS A 113 -17.66 33.94 0.46
C LYS A 113 -16.83 32.87 1.16
N HIS A 114 -16.53 31.77 0.46
CA HIS A 114 -15.63 30.75 1.02
C HIS A 114 -14.31 31.34 1.49
N GLN A 115 -13.76 32.25 0.67
CA GLN A 115 -12.50 32.86 1.03
C GLN A 115 -12.64 33.77 2.26
N ARG A 116 -13.76 34.48 2.38
N ARG A 116 -13.76 34.48 2.38
CA ARG A 116 -14.03 35.34 3.53
CA ARG A 116 -14.03 35.34 3.53
C ARG A 116 -14.06 34.49 4.79
C ARG A 116 -14.06 34.49 4.79
N ILE A 117 -14.80 33.39 4.73
CA ILE A 117 -14.92 32.45 5.90
C ILE A 117 -13.55 31.85 6.27
N ILE A 118 -12.81 31.36 5.29
CA ILE A 118 -11.52 30.73 5.55
C ILE A 118 -10.53 31.71 6.17
N THR A 119 -10.47 32.93 5.64
CA THR A 119 -9.67 34.00 6.22
C THR A 119 -10.07 34.25 7.66
N HIS A 120 -11.38 34.30 7.88
CA HIS A 120 -11.94 34.46 9.23
C HIS A 120 -11.49 33.37 10.18
N LEU A 121 -11.60 32.11 9.76
CA LEU A 121 -11.14 30.98 10.61
C LEU A 121 -9.64 31.07 10.91
N GLN A 122 -8.86 31.43 9.90
CA GLN A 122 -7.45 31.56 10.05
C GLN A 122 -7.07 32.76 10.97
N GLN A 123 -7.86 33.83 10.94
CA GLN A 123 -7.65 34.99 11.85
C GLN A 123 -7.85 34.54 13.30
N TYR A 124 -8.70 33.53 13.49
CA TYR A 124 -8.94 32.92 14.81
C TYR A 124 -8.02 31.77 15.14
N ASN A 125 -6.95 31.60 14.39
CA ASN A 125 -5.96 30.59 14.67
C ASN A 125 -6.54 29.18 14.60
N LYS A 126 -7.42 28.95 13.62
CA LYS A 126 -7.90 27.62 13.31
C LYS A 126 -7.19 27.14 12.06
N GLU A 127 -6.77 25.87 12.07
CA GLU A 127 -6.28 25.22 10.84
C GLU A 127 -7.53 24.86 10.02
N VAL A 128 -7.48 25.15 8.72
CA VAL A 128 -8.59 24.87 7.84
C VAL A 128 -8.26 23.62 6.99
N VAL A 129 -9.18 22.65 7.03
CA VAL A 129 -9.13 21.47 6.13
C VAL A 129 -10.21 21.71 5.11
N ILE A 130 -9.84 22.01 3.87
CA ILE A 130 -10.86 22.09 2.84
C ILE A 130 -10.99 20.72 2.17
N SER A 131 -12.21 20.23 2.07
CA SER A 131 -12.45 18.80 1.73
C SER A 131 -13.44 18.65 0.56
N HIS A 132 -13.31 17.54 -0.14
CA HIS A 132 -14.21 17.18 -1.20
C HIS A 132 -14.38 15.67 -1.20
N HIS A 133 -15.65 15.23 -1.34
CA HIS A 133 -15.99 13.81 -1.33
C HIS A 133 -16.87 13.41 -2.49
N ASN A 134 -16.53 12.27 -3.10
CA ASN A 134 -17.33 11.64 -4.12
C ASN A 134 -17.54 10.21 -3.71
N PHE A 135 -18.73 9.91 -3.21
CA PHE A 135 -19.06 8.55 -2.77
C PHE A 135 -19.48 7.65 -3.91
N GLU A 136 -19.62 8.19 -5.12
CA GLU A 136 -20.10 7.44 -6.27
C GLU A 136 -19.00 6.79 -7.07
N SER A 137 -17.91 7.55 -7.28
CA SER A 137 -16.89 7.12 -8.20
C SER A 137 -15.59 7.87 -7.97
N THR A 138 -14.59 7.51 -8.79
CA THR A 138 -13.32 8.21 -8.79
C THR A 138 -13.13 8.86 -10.13
N PRO A 139 -13.18 10.20 -10.15
CA PRO A 139 -12.99 10.84 -11.43
C PRO A 139 -11.64 10.51 -12.07
N PRO A 140 -11.46 10.82 -13.36
CA PRO A 140 -10.17 10.52 -13.96
C PRO A 140 -9.03 11.38 -13.37
N LEU A 141 -7.81 10.91 -13.56
CA LEU A 141 -6.64 11.55 -12.98
C LEU A 141 -6.66 13.08 -13.13
N ASP A 142 -6.82 13.54 -14.37
CA ASP A 142 -6.74 14.96 -14.63
C ASP A 142 -7.83 15.76 -13.86
N GLU A 143 -8.98 15.12 -13.67
CA GLU A 143 -10.05 15.76 -12.91
C GLU A 143 -9.74 15.82 -11.43
N LEU A 144 -9.16 14.75 -10.91
CA LEU A 144 -8.72 14.74 -9.51
C LEU A 144 -7.72 15.88 -9.27
N GLN A 145 -6.79 16.07 -10.21
CA GLN A 145 -5.80 17.11 -10.14
C GLN A 145 -6.39 18.52 -10.17
N PHE A 146 -7.40 18.72 -11.01
CA PHE A 146 -8.04 20.01 -11.14
C PHE A 146 -8.83 20.37 -9.86
N ILE A 147 -9.50 19.38 -9.30
CA ILE A 147 -10.15 19.54 -7.99
C ILE A 147 -9.14 20.01 -6.93
N PHE A 148 -8.00 19.32 -6.83
CA PHE A 148 -6.93 19.72 -5.90
C PHE A 148 -6.48 21.16 -6.14
N PHE A 149 -6.40 21.51 -7.43
CA PHE A 149 -5.99 22.83 -7.87
C PHE A 149 -6.95 23.91 -7.39
N LYS A 150 -8.24 23.70 -7.63
CA LYS A 150 -9.23 24.66 -7.19
C LYS A 150 -9.27 24.78 -5.67
N MET A 151 -9.11 23.67 -4.94
CA MET A 151 -9.17 23.74 -3.46
C MET A 151 -8.00 24.48 -2.85
N GLN A 152 -6.82 24.32 -3.44
CA GLN A 152 -5.63 24.96 -2.90
C GLN A 152 -5.61 26.49 -3.06
N LYS A 153 -6.39 27.02 -3.98
CA LYS A 153 -6.38 28.46 -4.19
C LYS A 153 -6.84 29.20 -2.92
N PHE A 154 -7.55 28.51 -2.02
CA PHE A 154 -8.01 29.15 -0.80
C PHE A 154 -6.95 29.24 0.30
N ASN A 155 -5.75 28.71 0.02
CA ASN A 155 -4.59 28.68 0.94
C ASN A 155 -4.96 28.09 2.30
N PRO A 156 -5.61 26.94 2.25
CA PRO A 156 -5.95 26.25 3.48
C PRO A 156 -4.69 25.62 4.04
N GLU A 157 -4.81 25.14 5.23
CA GLU A 157 -3.72 24.33 5.83
C GLU A 157 -3.63 22.91 5.23
N TYR A 158 -4.78 22.35 4.89
CA TYR A 158 -4.87 21.01 4.27
C TYR A 158 -5.90 21.02 3.13
N VAL A 159 -5.60 20.33 2.05
CA VAL A 159 -6.58 19.97 1.03
CA VAL A 159 -6.61 19.96 1.05
C VAL A 159 -6.81 18.46 1.16
N LYS A 160 -8.07 18.03 1.15
CA LYS A 160 -8.47 16.64 1.35
C LYS A 160 -9.43 16.18 0.31
N LEU A 161 -9.11 15.07 -0.35
CA LEU A 161 -9.93 14.51 -1.39
C LEU A 161 -10.22 13.07 -1.03
N ALA A 162 -11.51 12.74 -0.90
CA ALA A 162 -11.98 11.40 -0.64
C ALA A 162 -12.87 10.91 -1.80
N VAL A 163 -12.48 9.80 -2.42
CA VAL A 163 -13.19 9.25 -3.60
C VAL A 163 -13.40 7.72 -3.50
N MET A 164 -14.37 7.20 -4.22
CA MET A 164 -14.77 5.81 -4.15
C MET A 164 -14.24 5.02 -5.37
N PRO A 165 -13.33 4.08 -5.14
CA PRO A 165 -12.79 3.31 -6.26
C PRO A 165 -13.74 2.21 -6.73
N HIS A 166 -13.76 1.94 -8.02
CA HIS A 166 -14.40 0.72 -8.47
C HIS A 166 -13.50 -0.25 -9.13
N ASN A 167 -12.22 0.11 -9.23
CA ASN A 167 -11.23 -0.83 -9.71
C ASN A 167 -9.85 -0.37 -9.25
N LYS A 168 -8.85 -1.17 -9.59
CA LYS A 168 -7.46 -0.88 -9.23
C LYS A 168 -6.96 0.40 -9.82
N ASN A 169 -7.30 0.71 -11.08
CA ASN A 169 -6.80 1.97 -11.68
CA ASN A 169 -6.81 1.94 -11.68
C ASN A 169 -7.28 3.19 -10.91
N ASP A 170 -8.50 3.12 -10.35
CA ASP A 170 -9.06 4.25 -9.59
C ASP A 170 -8.23 4.51 -8.30
N VAL A 171 -7.85 3.41 -7.65
CA VAL A 171 -6.99 3.55 -6.47
C VAL A 171 -5.62 4.18 -6.84
N LEU A 172 -5.00 3.69 -7.90
CA LEU A 172 -3.74 4.23 -8.36
C LEU A 172 -3.85 5.67 -8.81
N ASN A 173 -4.98 6.04 -9.42
CA ASN A 173 -5.19 7.47 -9.78
C ASN A 173 -5.25 8.43 -8.61
N LEU A 174 -5.97 8.03 -7.55
CA LEU A 174 -6.00 8.81 -6.33
C LEU A 174 -4.58 8.97 -5.72
N LEU A 175 -3.83 7.88 -5.64
CA LEU A 175 -2.45 7.91 -5.14
C LEU A 175 -1.55 8.85 -6.00
N GLN A 176 -1.70 8.76 -7.31
CA GLN A 176 -0.95 9.62 -8.25
C GLN A 176 -1.29 11.09 -8.08
N ALA A 177 -2.59 11.39 -8.03
CA ALA A 177 -3.02 12.79 -7.77
C ALA A 177 -2.43 13.38 -6.49
N MET A 178 -2.49 12.63 -5.39
CA MET A 178 -1.94 13.16 -4.14
CA MET A 178 -1.94 13.10 -4.14
C MET A 178 -0.42 13.25 -4.20
N SER A 179 0.22 12.29 -4.84
CA SER A 179 1.66 12.31 -4.95
CA SER A 179 1.68 12.29 -4.98
C SER A 179 2.15 13.51 -5.76
N THR A 180 1.54 13.75 -6.92
CA THR A 180 1.91 14.88 -7.75
C THR A 180 1.65 16.21 -7.05
N PHE A 181 0.51 16.31 -6.34
CA PHE A 181 0.25 17.51 -5.55
C PHE A 181 1.38 17.73 -4.49
N SER A 182 1.69 16.68 -3.74
CA SER A 182 2.66 16.75 -2.68
C SER A 182 4.03 17.25 -3.23
N ASP A 183 4.42 16.76 -4.39
CA ASP A 183 5.67 17.13 -5.00
C ASP A 183 5.75 18.56 -5.51
N THR A 184 4.63 19.23 -5.73
CA THR A 184 4.58 20.46 -6.50
C THR A 184 3.99 21.65 -5.75
N MET A 185 3.30 21.42 -4.65
CA MET A 185 2.47 22.46 -4.03
C MET A 185 2.84 22.67 -2.58
N ASP A 186 2.48 23.83 -2.03
CA ASP A 186 2.85 24.22 -0.68
C ASP A 186 2.06 23.60 0.45
N CYS A 187 0.77 23.45 0.30
CA CYS A 187 0.01 23.08 1.47
C CYS A 187 -0.09 21.59 1.60
N LYS A 188 -0.41 21.16 2.81
CA LYS A 188 -0.58 19.73 3.05
C LYS A 188 -1.74 19.14 2.23
N VAL A 189 -1.60 17.87 1.87
CA VAL A 189 -2.57 17.17 1.04
C VAL A 189 -2.92 15.89 1.75
N VAL A 190 -4.19 15.51 1.62
CA VAL A 190 -4.70 14.25 2.13
C VAL A 190 -5.54 13.62 1.03
N GLY A 191 -5.30 12.30 0.79
CA GLY A 191 -6.07 11.57 -0.19
C GLY A 191 -6.64 10.31 0.45
N ILE A 192 -7.91 10.03 0.14
CA ILE A 192 -8.57 8.78 0.59
C ILE A 192 -9.25 8.11 -0.59
N SER A 193 -8.86 6.85 -0.87
CA SER A 193 -9.62 5.97 -1.70
C SER A 193 -10.42 5.09 -0.76
N MET A 194 -11.75 5.22 -0.80
CA MET A 194 -12.60 4.58 0.20
C MET A 194 -12.73 3.07 -0.08
N SER A 195 -13.29 2.39 0.92
CA SER A 195 -13.68 1.00 0.85
C SER A 195 -12.45 0.10 1.05
N LYS A 196 -12.73 -1.19 1.17
CA LYS A 196 -11.65 -2.15 1.36
C LYS A 196 -10.65 -2.10 0.26
N LEU A 197 -11.14 -1.94 -0.98
CA LEU A 197 -10.27 -1.86 -2.15
C LEU A 197 -9.26 -0.70 -1.97
N GLY A 198 -9.69 0.40 -1.36
CA GLY A 198 -8.79 1.54 -1.17
C GLY A 198 -7.97 1.58 0.10
N LEU A 199 -8.01 0.52 0.90
CA LEU A 199 -7.39 0.57 2.21
C LEU A 199 -5.91 0.98 2.16
N ILE A 200 -5.22 0.58 1.09
CA ILE A 200 -3.83 0.90 0.93
C ILE A 200 -3.58 2.41 0.95
N SER A 201 -4.54 3.23 0.48
CA SER A 201 -4.42 4.69 0.56
C SER A 201 -4.37 5.20 1.99
N ARG A 202 -5.01 4.48 2.89
CA ARG A 202 -5.04 4.85 4.26
C ARG A 202 -3.80 4.44 5.03
N THR A 203 -3.22 3.30 4.66
CA THR A 203 -2.10 2.73 5.45
C THR A 203 -0.76 3.20 4.90
N ALA A 204 -0.69 3.37 3.58
CA ALA A 204 0.48 3.91 2.93
C ALA A 204 0.35 5.37 2.51
N GLN A 205 -0.54 6.08 3.17
CA GLN A 205 -0.74 7.53 2.89
C GLN A 205 0.58 8.31 2.85
N GLY A 206 1.46 8.07 3.80
CA GLY A 206 2.69 8.87 3.89
C GLY A 206 3.71 8.58 2.80
N VAL A 207 3.66 7.37 2.22
CA VAL A 207 4.50 6.98 1.10
C VAL A 207 4.28 7.96 -0.05
N PHE A 208 3.03 8.40 -0.17
CA PHE A 208 2.64 9.23 -1.31
C PHE A 208 2.47 10.68 -0.96
N GLY A 209 2.87 11.01 0.26
CA GLY A 209 3.08 12.39 0.69
C GLY A 209 1.92 13.00 1.44
N GLY A 210 0.87 12.21 1.76
CA GLY A 210 -0.31 12.75 2.46
C GLY A 210 -0.11 12.92 3.95
N ALA A 211 -0.87 13.84 4.55
CA ALA A 211 -0.56 14.34 5.92
C ALA A 211 -1.41 13.75 7.01
N LEU A 212 -2.59 13.25 6.66
CA LEU A 212 -3.55 12.68 7.63
C LEU A 212 -4.07 11.33 7.19
N THR A 213 -4.42 10.46 8.13
CA THR A 213 -5.15 9.25 7.78
C THR A 213 -6.22 9.07 8.82
N TYR A 214 -7.42 8.73 8.41
CA TYR A 214 -8.59 8.65 9.29
C TYR A 214 -8.96 7.21 9.63
N GLY A 215 -9.14 6.96 10.93
CA GLY A 215 -9.60 5.64 11.39
C GLY A 215 -10.70 5.82 12.47
N CYS A 216 -11.03 4.71 13.12
CA CYS A 216 -12.20 4.67 13.99
C CYS A 216 -11.87 4.17 15.37
N ILE A 217 -12.85 4.31 16.25
CA ILE A 217 -12.76 3.80 17.60
C ILE A 217 -13.64 2.58 17.68
N GLY A 218 -14.91 2.75 17.34
CA GLY A 218 -15.85 1.65 17.30
C GLY A 218 -15.98 1.11 15.92
N GLU A 219 -17.18 1.30 15.36
CA GLU A 219 -17.49 0.88 14.00
C GLU A 219 -16.83 1.88 13.05
N PRO A 220 -16.51 1.42 11.85
CA PRO A 220 -16.08 2.34 10.77
C PRO A 220 -17.05 3.47 10.59
N GLN A 221 -16.54 4.68 10.52
CA GLN A 221 -17.36 5.87 10.32
C GLN A 221 -17.33 6.27 8.85
N ALA A 222 -16.57 5.53 8.03
CA ALA A 222 -16.67 5.68 6.59
C ALA A 222 -16.14 4.40 5.96
N PRO A 223 -16.59 4.05 4.76
CA PRO A 223 -16.18 2.77 4.19
C PRO A 223 -14.66 2.60 4.10
N GLY A 224 -14.15 1.45 4.57
CA GLY A 224 -12.73 1.14 4.61
C GLY A 224 -11.92 1.53 5.85
N GLN A 225 -12.45 2.37 6.73
CA GLN A 225 -11.75 2.76 7.95
C GLN A 225 -11.41 1.51 8.73
N ILE A 226 -10.25 1.56 9.39
CA ILE A 226 -9.89 0.59 10.43
C ILE A 226 -9.62 1.25 11.77
N ASP A 227 -9.49 0.45 12.84
CA ASP A 227 -9.31 1.01 14.18
C ASP A 227 -8.00 1.82 14.24
N VAL A 228 -8.03 2.98 14.90
CA VAL A 228 -6.86 3.87 14.93
C VAL A 228 -5.58 3.23 15.52
N THR A 229 -5.72 2.30 16.48
CA THR A 229 -4.54 1.60 17.03
C THR A 229 -3.79 0.79 15.95
N ASP A 230 -4.53 0.03 15.16
CA ASP A 230 -4.02 -0.74 14.02
C ASP A 230 -3.58 0.23 12.93
N LEU A 231 -4.33 1.31 12.70
CA LEU A 231 -3.88 2.33 11.73
C LEU A 231 -2.52 2.95 12.06
N LYS A 232 -2.28 3.27 13.34
CA LYS A 232 -1.01 3.90 13.75
C LYS A 232 0.18 2.96 13.49
N ALA A 233 -0.04 1.69 13.82
CA ALA A 233 0.97 0.63 13.60
C ALA A 233 1.31 0.48 12.10
N GLN A 234 0.31 0.58 11.25
CA GLN A 234 0.51 0.55 9.79
C GLN A 234 1.31 1.72 9.27
N VAL A 235 0.91 2.94 9.61
CA VAL A 235 1.62 4.13 9.23
C VAL A 235 3.13 4.08 9.62
N THR A 236 3.41 3.51 10.79
CA THR A 236 4.76 3.37 11.35
C THR A 236 5.64 2.40 10.51
N LEU A 237 5.00 1.47 9.79
CA LEU A 237 5.73 0.52 8.93
CA LEU A 237 5.72 0.52 8.94
C LEU A 237 6.28 1.10 7.64
N TYR A 238 5.69 2.21 7.14
CA TYR A 238 6.09 2.77 5.84
C TYR A 238 7.08 3.91 5.85
N THR B 2 -7.50 -12.32 -4.80
CA THR B 2 -6.12 -12.91 -4.75
C THR B 2 -5.71 -13.24 -3.33
N HIS B 3 -5.31 -14.48 -3.11
CA HIS B 3 -4.62 -14.86 -1.87
C HIS B 3 -3.12 -14.95 -2.20
N VAL B 4 -2.34 -14.06 -1.64
CA VAL B 4 -0.92 -14.04 -1.95
C VAL B 4 -0.14 -15.09 -1.16
N GLU B 5 0.77 -15.78 -1.83
CA GLU B 5 1.64 -16.73 -1.17
C GLU B 5 2.93 -16.00 -0.75
N VAL B 6 3.38 -16.28 0.49
CA VAL B 6 4.57 -15.68 1.02
C VAL B 6 5.80 -16.57 0.75
N VAL B 7 6.80 -15.98 0.12
CA VAL B 7 8.02 -16.68 -0.23
C VAL B 7 9.12 -16.22 0.74
N ALA B 8 9.80 -17.17 1.37
CA ALA B 8 10.95 -16.88 2.23
C ALA B 8 12.24 -17.15 1.49
N THR B 9 13.05 -16.11 1.24
CA THR B 9 14.31 -16.29 0.56
C THR B 9 15.46 -16.67 1.52
N ILE B 10 16.12 -17.80 1.22
CA ILE B 10 17.40 -18.21 1.90
C ILE B 10 18.55 -18.39 0.90
N ALA B 11 19.77 -18.34 1.41
CA ALA B 11 20.97 -18.31 0.56
C ALA B 11 22.13 -19.00 1.30
N PRO B 12 21.94 -20.29 1.61
CA PRO B 12 22.97 -20.99 2.41
C PRO B 12 24.17 -21.40 1.54
N GLN B 13 25.29 -21.73 2.16
CA GLN B 13 26.34 -22.45 1.40
C GLN B 13 25.98 -23.95 1.41
N LEU B 14 26.82 -24.80 0.82
CA LEU B 14 26.49 -26.19 0.55
C LEU B 14 25.89 -26.94 1.71
N TYR B 15 26.35 -26.62 2.92
CA TYR B 15 25.85 -27.30 4.11
C TYR B 15 24.95 -26.37 4.87
N ILE B 16 23.67 -26.71 4.87
CA ILE B 16 22.64 -25.92 5.47
C ILE B 16 22.71 -26.13 6.97
N GLU B 17 22.83 -25.03 7.70
CA GLU B 17 23.20 -25.09 9.10
C GLU B 17 21.97 -25.31 9.98
N GLU B 18 22.16 -26.00 11.11
CA GLU B 18 21.09 -26.23 12.09
C GLU B 18 20.45 -24.91 12.56
N THR B 19 21.25 -23.86 12.67
CA THR B 19 20.75 -22.57 13.03
C THR B 19 19.77 -22.00 11.96
N LEU B 20 20.04 -22.23 10.67
CA LEU B 20 19.07 -21.84 9.63
C LEU B 20 17.79 -22.61 9.76
N ILE B 21 17.90 -23.92 9.99
CA ILE B 21 16.73 -24.79 10.13
C ILE B 21 15.87 -24.29 11.31
N GLN B 22 16.52 -23.85 12.38
CA GLN B 22 15.83 -23.30 13.54
CA GLN B 22 15.84 -23.28 13.55
C GLN B 22 15.09 -21.97 13.19
N LYS B 23 15.75 -21.11 12.43
CA LYS B 23 15.13 -19.86 11.95
C LYS B 23 13.91 -20.10 11.07
N ILE B 24 13.98 -21.11 10.20
CA ILE B 24 12.86 -21.45 9.29
C ILE B 24 11.69 -21.97 10.11
N ASN B 25 12.00 -22.90 11.01
CA ASN B 25 10.98 -23.43 11.91
C ASN B 25 10.30 -22.37 12.74
N HIS B 26 11.04 -21.37 13.21
CA HIS B 26 10.46 -20.28 13.99
C HIS B 26 9.46 -19.45 13.15
N ARG B 27 9.59 -19.51 11.82
CA ARG B 27 8.72 -18.76 10.88
C ARG B 27 7.79 -19.65 10.04
N ILE B 28 7.64 -20.91 10.42
CA ILE B 28 7.01 -21.90 9.59
C ILE B 28 5.58 -21.56 9.15
N ASP B 29 4.81 -20.94 10.03
CA ASP B 29 3.41 -20.64 9.68
C ASP B 29 3.32 -19.48 8.69
N ALA B 30 4.41 -18.74 8.54
CA ALA B 30 4.39 -17.62 7.61
C ALA B 30 4.87 -17.99 6.20
N ILE B 31 5.37 -19.21 6.01
CA ILE B 31 6.08 -19.57 4.78
C ILE B 31 5.19 -20.47 3.90
N ASP B 32 4.77 -19.95 2.76
CA ASP B 32 4.12 -20.79 1.76
C ASP B 32 5.10 -21.44 0.74
N VAL B 33 6.15 -20.71 0.42
CA VAL B 33 7.17 -21.17 -0.50
C VAL B 33 8.52 -20.85 0.12
N LEU B 34 9.42 -21.82 0.11
CA LEU B 34 10.80 -21.60 0.51
C LEU B 34 11.59 -21.45 -0.77
N GLU B 35 12.19 -20.27 -0.94
CA GLU B 35 13.08 -20.02 -2.07
C GLU B 35 14.53 -20.28 -1.70
N LEU B 36 15.05 -21.43 -2.11
CA LEU B 36 16.47 -21.70 -2.06
C LEU B 36 17.23 -21.00 -3.20
N ARG B 37 17.84 -19.84 -2.88
CA ARG B 37 18.82 -19.22 -3.75
C ARG B 37 20.07 -20.13 -3.82
N ILE B 38 20.64 -20.23 -5.00
CA ILE B 38 21.87 -21.08 -5.22
C ILE B 38 23.02 -20.40 -5.99
N ASP B 39 22.79 -19.20 -6.47
CA ASP B 39 23.82 -18.47 -7.22
C ASP B 39 25.03 -18.07 -6.38
N GLN B 40 24.87 -18.05 -5.07
CA GLN B 40 25.98 -17.74 -4.18
C GLN B 40 26.90 -18.95 -3.97
N ILE B 41 26.57 -20.09 -4.56
CA ILE B 41 27.45 -21.27 -4.47
C ILE B 41 28.25 -21.33 -5.77
N GLU B 42 29.52 -20.92 -5.68
CA GLU B 42 30.42 -20.95 -6.85
CA GLU B 42 30.46 -20.95 -6.82
C GLU B 42 30.52 -22.39 -7.35
N ASN B 43 30.45 -22.52 -8.67
CA ASN B 43 30.42 -23.81 -9.38
C ASN B 43 29.44 -24.86 -8.82
N VAL B 44 28.27 -24.38 -8.43
CA VAL B 44 27.21 -25.28 -8.00
C VAL B 44 26.73 -26.30 -9.06
N THR B 45 26.51 -27.52 -8.60
CA THR B 45 26.01 -28.58 -9.43
C THR B 45 24.63 -29.05 -8.94
N VAL B 46 23.90 -29.67 -9.86
CA VAL B 46 22.63 -30.28 -9.53
C VAL B 46 22.79 -31.26 -8.39
N ASN B 47 23.91 -31.97 -8.31
CA ASN B 47 24.11 -32.92 -7.20
C ASN B 47 24.14 -32.24 -5.82
N GLN B 48 24.80 -31.10 -5.79
CA GLN B 48 24.91 -30.35 -4.58
C GLN B 48 23.55 -29.77 -4.22
N VAL B 49 22.84 -29.26 -5.24
CA VAL B 49 21.49 -28.78 -4.98
C VAL B 49 20.63 -29.90 -4.42
N ALA B 50 20.66 -31.12 -5.00
CA ALA B 50 19.85 -32.21 -4.48
C ALA B 50 20.19 -32.53 -3.02
N GLU B 51 21.48 -32.43 -2.66
CA GLU B 51 21.88 -32.71 -1.28
C GLU B 51 21.27 -31.70 -0.32
N MET B 52 21.28 -30.42 -0.71
CA MET B 52 20.71 -29.37 0.14
C MET B 52 19.20 -29.55 0.30
N ILE B 53 18.53 -29.89 -0.79
CA ILE B 53 17.09 -30.10 -0.76
C ILE B 53 16.71 -31.23 0.20
N THR B 54 17.49 -32.31 0.23
CA THR B 54 17.20 -33.40 1.15
C THR B 54 17.16 -32.93 2.62
N LYS B 55 18.09 -32.07 3.01
CA LYS B 55 18.12 -31.56 4.39
C LYS B 55 16.89 -30.74 4.81
N LEU B 56 16.23 -30.12 3.83
CA LEU B 56 15.02 -29.34 4.07
C LEU B 56 13.78 -30.24 3.87
N LYS B 57 13.96 -31.56 3.89
CA LYS B 57 12.82 -32.47 3.78
C LYS B 57 12.35 -32.99 5.14
N VAL B 58 11.80 -32.10 5.94
CA VAL B 58 10.83 -32.49 6.97
C VAL B 58 9.66 -31.51 6.89
N MET B 59 9.99 -30.25 6.61
CA MET B 59 9.02 -29.19 6.52
C MET B 59 8.47 -29.13 5.10
N GLN B 60 8.87 -30.08 4.25
CA GLN B 60 8.29 -30.27 2.93
C GLN B 60 6.75 -30.15 2.93
N ASP B 61 6.13 -30.62 4.02
CA ASP B 61 4.68 -30.61 4.15
C ASP B 61 4.06 -29.24 4.41
N SER B 62 4.88 -28.24 4.76
CA SER B 62 4.40 -26.88 5.03
C SER B 62 4.61 -25.94 3.85
N PHE B 63 5.56 -26.21 2.95
CA PHE B 63 5.80 -25.25 1.89
C PHE B 63 6.24 -25.89 0.59
N LYS B 64 6.05 -25.17 -0.50
CA LYS B 64 6.63 -25.52 -1.76
C LYS B 64 8.12 -25.12 -1.75
N LEU B 65 8.95 -25.85 -2.47
CA LEU B 65 10.35 -25.53 -2.66
CA LEU B 65 10.36 -25.53 -2.65
C LEU B 65 10.60 -24.94 -4.05
N LEU B 66 11.07 -23.70 -4.07
CA LEU B 66 11.45 -22.99 -5.31
C LEU B 66 12.96 -22.90 -5.30
N VAL B 67 13.61 -23.22 -6.41
CA VAL B 67 15.05 -23.05 -6.53
C VAL B 67 15.36 -21.99 -7.58
N THR B 68 16.20 -21.07 -7.17
CA THR B 68 16.52 -19.92 -7.99
C THR B 68 18.04 -19.72 -8.10
N TYR B 69 18.54 -19.71 -9.34
CA TYR B 69 19.87 -19.26 -9.60
C TYR B 69 19.78 -17.87 -10.24
N ARG B 70 20.09 -16.85 -9.47
CA ARG B 70 19.99 -15.48 -9.93
C ARG B 70 21.37 -15.04 -10.49
N THR B 71 21.40 -14.69 -11.76
CA THR B 71 22.64 -14.31 -12.40
C THR B 71 23.09 -12.95 -12.00
N LYS B 72 24.42 -12.75 -12.05
CA LYS B 72 25.04 -11.53 -11.64
C LYS B 72 24.45 -10.33 -12.39
N LEU B 73 24.25 -10.51 -13.70
CA LEU B 73 23.72 -9.46 -14.54
C LEU B 73 22.24 -9.09 -14.20
N GLN B 74 21.50 -9.98 -13.55
CA GLN B 74 20.15 -9.66 -13.03
C GLN B 74 20.17 -9.40 -11.54
N GLY B 75 21.35 -9.10 -10.99
CA GLY B 75 21.45 -8.59 -9.65
C GLY B 75 21.74 -9.64 -8.58
N GLY B 76 22.01 -10.87 -8.99
CA GLY B 76 22.45 -11.92 -8.08
C GLY B 76 23.98 -12.01 -8.02
N TYR B 77 24.43 -13.18 -7.53
CA TYR B 77 25.83 -13.57 -7.46
C TYR B 77 26.35 -14.50 -8.59
N GLY B 78 25.46 -15.09 -9.37
CA GLY B 78 25.84 -16.18 -10.25
C GLY B 78 26.65 -15.79 -11.46
N GLN B 79 27.88 -16.35 -11.57
CA GLN B 79 28.81 -15.97 -12.64
C GLN B 79 28.84 -17.00 -13.77
N PHE B 80 27.91 -17.94 -13.79
CA PHE B 80 27.93 -18.94 -14.84
C PHE B 80 27.74 -18.18 -16.15
N THR B 81 28.42 -18.65 -17.19
CA THR B 81 28.09 -18.27 -18.52
C THR B 81 26.67 -18.71 -18.83
N ASN B 82 26.09 -18.15 -19.89
CA ASN B 82 24.71 -18.46 -20.27
C ASN B 82 24.48 -19.96 -20.49
N ASP B 83 25.40 -20.63 -21.18
CA ASP B 83 25.16 -22.05 -21.45
C ASP B 83 25.19 -22.88 -20.21
N LEU B 84 26.09 -22.59 -19.29
CA LEU B 84 26.18 -23.38 -18.05
C LEU B 84 24.96 -23.11 -17.19
N TYR B 85 24.57 -21.84 -17.11
CA TYR B 85 23.32 -21.43 -16.45
C TYR B 85 22.10 -22.22 -16.96
N LEU B 86 21.86 -22.16 -18.26
CA LEU B 86 20.73 -22.86 -18.83
C LEU B 86 20.82 -24.39 -18.68
N ASN B 87 22.03 -24.94 -18.75
CA ASN B 87 22.19 -26.36 -18.47
C ASN B 87 21.80 -26.66 -17.02
N LEU B 88 22.22 -25.82 -16.08
CA LEU B 88 21.77 -25.98 -14.68
C LEU B 88 20.22 -25.98 -14.54
N ILE B 89 19.59 -24.96 -15.08
CA ILE B 89 18.14 -24.82 -15.00
C ILE B 89 17.48 -26.10 -15.51
N SER B 90 17.85 -26.51 -16.75
CA SER B 90 17.33 -27.76 -17.31
C SER B 90 17.56 -29.00 -16.42
N ASP B 91 18.75 -29.13 -15.84
CA ASP B 91 19.01 -30.31 -15.00
C ASP B 91 18.16 -30.32 -13.70
N LEU B 92 17.69 -29.16 -13.24
CA LEU B 92 16.91 -29.11 -11.99
C LEU B 92 15.60 -29.91 -12.06
N ALA B 93 15.08 -30.07 -13.27
CA ALA B 93 13.91 -30.92 -13.52
C ALA B 93 14.04 -32.31 -12.91
N ASN B 94 15.25 -32.84 -12.85
CA ASN B 94 15.49 -34.18 -12.32
C ASN B 94 15.44 -34.31 -10.81
N ILE B 95 15.27 -33.21 -10.07
CA ILE B 95 15.23 -33.31 -8.60
C ILE B 95 13.81 -33.35 -8.11
N ASN B 96 13.40 -34.48 -7.56
CA ASN B 96 11.98 -34.68 -7.24
C ASN B 96 11.42 -33.68 -6.25
N GLY B 97 12.25 -33.26 -5.29
CA GLY B 97 11.79 -32.39 -4.21
C GLY B 97 11.62 -30.93 -4.59
N ILE B 98 12.06 -30.56 -5.81
CA ILE B 98 11.78 -29.21 -6.29
C ILE B 98 10.36 -29.12 -6.80
N ASP B 99 9.65 -28.07 -6.40
CA ASP B 99 8.31 -27.82 -6.90
C ASP B 99 8.27 -26.71 -7.94
N MET B 100 9.12 -25.68 -7.77
CA MET B 100 9.11 -24.50 -8.67
C MET B 100 10.54 -24.16 -9.08
N ILE B 101 10.73 -23.61 -10.29
CA ILE B 101 12.04 -23.21 -10.78
C ILE B 101 11.91 -21.86 -11.40
N ASP B 102 12.83 -20.96 -11.04
CA ASP B 102 13.01 -19.65 -11.68
C ASP B 102 13.92 -19.72 -12.91
N ILE B 103 13.46 -19.13 -13.99
CA ILE B 103 14.33 -18.95 -15.17
C ILE B 103 14.24 -17.51 -15.59
N GLU B 104 15.39 -16.93 -15.93
CA GLU B 104 15.42 -15.50 -16.24
C GLU B 104 15.06 -15.16 -17.71
N TRP B 105 14.29 -14.10 -17.88
CA TRP B 105 14.06 -13.49 -19.19
C TRP B 105 14.90 -12.22 -19.32
N GLN B 106 15.43 -11.99 -20.54
CA GLN B 106 16.01 -10.72 -20.89
C GLN B 106 15.94 -10.57 -22.42
N ALA B 107 16.22 -9.40 -22.96
CA ALA B 107 15.93 -9.21 -24.41
C ALA B 107 16.78 -10.08 -25.34
N ASP B 108 17.98 -10.49 -24.91
CA ASP B 108 18.89 -11.28 -25.75
C ASP B 108 18.74 -12.80 -25.67
N ILE B 109 17.69 -13.30 -25.08
CA ILE B 109 17.59 -14.76 -24.93
C ILE B 109 17.37 -15.43 -26.28
N ASP B 110 17.81 -16.67 -26.37
CA ASP B 110 17.43 -17.56 -27.47
C ASP B 110 16.04 -18.07 -27.19
N ILE B 111 15.05 -17.59 -27.96
CA ILE B 111 13.64 -17.89 -27.65
C ILE B 111 13.31 -19.38 -27.73
N GLU B 112 13.68 -20.02 -28.84
CA GLU B 112 13.32 -21.42 -29.04
C GLU B 112 13.98 -22.31 -27.98
N LYS B 113 15.22 -22.00 -27.60
CA LYS B 113 15.88 -22.72 -26.52
C LYS B 113 15.19 -22.53 -25.18
N HIS B 114 14.85 -21.27 -24.83
CA HIS B 114 14.07 -21.03 -23.60
C HIS B 114 12.78 -21.82 -23.58
N GLN B 115 12.09 -21.85 -24.72
CA GLN B 115 10.85 -22.58 -24.78
C GLN B 115 11.08 -24.10 -24.65
N ARG B 116 12.18 -24.62 -25.20
CA ARG B 116 12.50 -26.05 -25.07
C ARG B 116 12.72 -26.38 -23.61
N ILE B 117 13.50 -25.56 -22.93
CA ILE B 117 13.78 -25.74 -21.46
C ILE B 117 12.48 -25.69 -20.64
N ILE B 118 11.67 -24.68 -20.88
CA ILE B 118 10.42 -24.50 -20.14
C ILE B 118 9.47 -25.66 -20.31
N THR B 119 9.31 -26.11 -21.55
CA THR B 119 8.52 -27.32 -21.87
C THR B 119 9.05 -28.51 -21.09
N HIS B 120 10.37 -28.65 -21.11
CA HIS B 120 11.05 -29.72 -20.38
C HIS B 120 10.74 -29.68 -18.89
N LEU B 121 10.88 -28.51 -18.26
CA LEU B 121 10.56 -28.39 -16.81
C LEU B 121 9.09 -28.72 -16.50
N GLN B 122 8.20 -28.24 -17.38
CA GLN B 122 6.81 -28.51 -17.25
C GLN B 122 6.45 -30.00 -17.47
N GLN B 123 7.19 -30.68 -18.34
CA GLN B 123 7.02 -32.14 -18.57
C GLN B 123 7.35 -32.90 -17.26
N TYR B 124 8.27 -32.31 -16.49
CA TYR B 124 8.65 -32.88 -15.20
C TYR B 124 7.85 -32.34 -14.02
N ASN B 125 6.73 -31.71 -14.30
CA ASN B 125 5.79 -31.27 -13.26
C ASN B 125 6.44 -30.24 -12.34
N LYS B 126 7.24 -29.35 -12.90
CA LYS B 126 7.75 -28.21 -12.16
C LYS B 126 6.99 -26.98 -12.59
N GLU B 127 6.64 -26.13 -11.62
CA GLU B 127 6.05 -24.82 -11.93
C GLU B 127 7.21 -23.92 -12.35
N VAL B 128 7.04 -23.18 -13.44
CA VAL B 128 8.05 -22.29 -13.94
C VAL B 128 7.69 -20.84 -13.59
N VAL B 129 8.63 -20.16 -12.92
CA VAL B 129 8.61 -18.72 -12.72
C VAL B 129 9.56 -18.09 -13.69
N ILE B 130 9.06 -17.37 -14.68
CA ILE B 130 9.97 -16.68 -15.58
C ILE B 130 10.11 -15.25 -15.06
N SER B 131 11.35 -14.78 -14.92
CA SER B 131 11.61 -13.56 -14.10
C SER B 131 12.48 -12.58 -14.87
N HIS B 132 12.32 -11.29 -14.53
CA HIS B 132 13.13 -10.25 -15.07
C HIS B 132 13.39 -9.21 -13.98
N HIS B 133 14.63 -8.73 -13.91
CA HIS B 133 15.04 -7.76 -12.88
C HIS B 133 15.78 -6.60 -13.48
N ASN B 134 15.44 -5.39 -13.03
CA ASN B 134 16.19 -4.19 -13.33
C ASN B 134 16.52 -3.51 -12.03
N PHE B 135 17.78 -3.63 -11.58
CA PHE B 135 18.23 -3.05 -10.33
C PHE B 135 18.59 -1.57 -10.42
N GLU B 136 18.57 -1.03 -11.65
CA GLU B 136 18.99 0.32 -11.90
C GLU B 136 17.85 1.30 -11.91
N SER B 137 16.73 0.90 -12.52
CA SER B 137 15.61 1.80 -12.69
C SER B 137 14.29 1.05 -13.02
N THR B 138 13.25 1.83 -13.21
CA THR B 138 11.94 1.33 -13.57
C THR B 138 11.56 1.88 -14.91
N PRO B 139 11.54 1.00 -15.92
CA PRO B 139 11.17 1.52 -17.24
C PRO B 139 9.78 2.14 -17.26
N PRO B 140 9.44 2.88 -18.32
CA PRO B 140 8.09 3.47 -18.35
C PRO B 140 6.99 2.39 -18.45
N LEU B 141 5.77 2.79 -18.13
CA LEU B 141 4.64 1.87 -18.02
C LEU B 141 4.56 0.96 -19.22
N ASP B 142 4.55 1.55 -20.43
CA ASP B 142 4.39 0.79 -21.64
C ASP B 142 5.49 -0.26 -21.82
N GLU B 143 6.70 0.07 -21.37
CA GLU B 143 7.82 -0.86 -21.45
C GLU B 143 7.67 -1.99 -20.46
N LEU B 144 7.21 -1.66 -19.26
CA LEU B 144 6.97 -2.72 -18.27
C LEU B 144 5.92 -3.71 -18.80
N GLN B 145 4.89 -3.19 -19.48
CA GLN B 145 3.85 -4.01 -20.06
C GLN B 145 4.35 -4.91 -21.16
N PHE B 146 5.26 -4.38 -21.99
CA PHE B 146 5.80 -5.16 -23.10
C PHE B 146 6.70 -6.30 -22.58
N ILE B 147 7.48 -6.00 -21.55
CA ILE B 147 8.24 -7.07 -20.87
C ILE B 147 7.32 -8.17 -20.37
N PHE B 148 6.25 -7.81 -19.65
CA PHE B 148 5.25 -8.80 -19.21
C PHE B 148 4.71 -9.63 -20.41
N PHE B 149 4.46 -8.93 -21.52
CA PHE B 149 3.95 -9.54 -22.73
C PHE B 149 4.88 -10.59 -23.34
N LYS B 150 6.14 -10.22 -23.49
CA LYS B 150 7.13 -11.15 -23.99
C LYS B 150 7.32 -12.34 -23.08
N MET B 151 7.31 -12.14 -21.76
CA MET B 151 7.52 -13.27 -20.85
CA MET B 151 7.54 -13.25 -20.85
C MET B 151 6.37 -14.24 -20.87
N GLN B 152 5.15 -13.73 -20.97
CA GLN B 152 4.01 -14.65 -20.93
C GLN B 152 3.86 -15.56 -22.16
N LYS B 153 4.49 -15.20 -23.27
CA LYS B 153 4.37 -16.04 -24.46
CA LYS B 153 4.46 -16.03 -24.49
C LYS B 153 4.96 -17.44 -24.21
N PHE B 154 5.81 -17.60 -23.19
CA PHE B 154 6.35 -18.92 -22.88
C PHE B 154 5.40 -19.83 -22.10
N ASN B 155 4.20 -19.32 -21.78
CA ASN B 155 3.17 -20.04 -20.98
C ASN B 155 3.73 -20.61 -19.68
N PRO B 156 4.42 -19.75 -18.94
CA PRO B 156 4.91 -20.17 -17.62
C PRO B 156 3.74 -20.20 -16.68
N GLU B 157 3.97 -20.77 -15.51
CA GLU B 157 3.02 -20.66 -14.41
C GLU B 157 2.96 -19.24 -13.78
N TYR B 158 4.12 -18.56 -13.73
CA TYR B 158 4.23 -17.21 -13.19
C TYR B 158 5.13 -16.34 -14.08
N VAL B 159 4.77 -15.09 -14.26
CA VAL B 159 5.69 -14.06 -14.77
C VAL B 159 5.98 -13.10 -13.61
N LYS B 160 7.26 -12.78 -13.43
CA LYS B 160 7.73 -11.94 -12.33
C LYS B 160 8.61 -10.81 -12.81
N LEU B 161 8.25 -9.58 -12.45
CA LEU B 161 9.01 -8.41 -12.81
C LEU B 161 9.38 -7.65 -11.58
N ALA B 162 10.70 -7.49 -11.38
CA ALA B 162 11.27 -6.76 -10.25
C ALA B 162 12.03 -5.56 -10.77
N VAL B 163 11.67 -4.37 -10.33
CA VAL B 163 12.30 -3.11 -10.79
C VAL B 163 12.61 -2.18 -9.61
N MET B 164 13.53 -1.25 -9.85
CA MET B 164 13.98 -0.32 -8.83
C MET B 164 13.35 1.06 -9.06
N PRO B 165 12.51 1.52 -8.15
CA PRO B 165 11.96 2.87 -8.30
C PRO B 165 12.97 3.94 -7.93
N HIS B 166 12.91 5.06 -8.67
CA HIS B 166 13.61 6.30 -8.37
C HIS B 166 12.66 7.28 -7.69
N ASN B 167 11.36 7.08 -7.87
CA ASN B 167 10.39 7.99 -7.29
C ASN B 167 9.04 7.30 -7.15
N LYS B 168 8.06 8.04 -6.63
CA LYS B 168 6.71 7.53 -6.41
C LYS B 168 6.03 7.14 -7.69
N ASN B 169 6.23 7.89 -8.77
CA ASN B 169 5.57 7.51 -10.03
C ASN B 169 6.03 6.13 -10.52
N ASP B 170 7.30 5.80 -10.26
CA ASP B 170 7.84 4.49 -10.70
C ASP B 170 7.15 3.34 -9.92
N VAL B 171 6.93 3.57 -8.62
CA VAL B 171 6.17 2.61 -7.83
C VAL B 171 4.76 2.40 -8.41
N LEU B 172 4.05 3.49 -8.67
CA LEU B 172 2.70 3.40 -9.25
C LEU B 172 2.70 2.76 -10.62
N ASN B 173 3.74 3.00 -11.42
CA ASN B 173 3.81 2.34 -12.72
C ASN B 173 3.92 0.83 -12.67
N LEU B 174 4.78 0.33 -11.76
CA LEU B 174 4.89 -1.09 -11.54
C LEU B 174 3.54 -1.71 -11.09
N LEU B 175 2.88 -1.07 -10.12
CA LEU B 175 1.56 -1.53 -9.65
C LEU B 175 0.51 -1.53 -10.80
N GLN B 176 0.51 -0.47 -11.60
CA GLN B 176 -0.37 -0.43 -12.80
C GLN B 176 -0.08 -1.53 -13.81
N ALA B 177 1.18 -1.72 -14.15
CA ALA B 177 1.56 -2.84 -15.04
C ALA B 177 1.07 -4.20 -14.57
N MET B 178 1.28 -4.51 -13.30
CA MET B 178 0.83 -5.81 -12.80
CA MET B 178 0.83 -5.78 -12.73
C MET B 178 -0.69 -5.87 -12.72
N SER B 179 -1.35 -4.76 -12.40
CA SER B 179 -2.78 -4.72 -12.30
C SER B 179 -3.45 -4.96 -13.67
N THR B 180 -2.93 -4.29 -14.68
CA THR B 180 -3.49 -4.45 -16.02
C THR B 180 -3.24 -5.87 -16.54
N PHE B 181 -2.04 -6.41 -16.29
CA PHE B 181 -1.75 -7.78 -16.62
C PHE B 181 -2.75 -8.74 -15.95
N SER B 182 -2.92 -8.59 -14.64
CA SER B 182 -3.77 -9.47 -13.86
C SER B 182 -5.21 -9.47 -14.44
N ASP B 183 -5.70 -8.31 -14.81
CA ASP B 183 -7.07 -8.20 -15.27
C ASP B 183 -7.29 -8.75 -16.67
N THR B 184 -6.23 -9.01 -17.44
CA THR B 184 -6.36 -9.28 -18.86
C THR B 184 -5.80 -10.61 -19.31
N MET B 185 -4.93 -11.23 -18.51
CA MET B 185 -4.11 -12.37 -18.98
C MET B 185 -4.29 -13.57 -18.09
N ASP B 186 -3.98 -14.75 -18.61
CA ASP B 186 -4.27 -16.03 -17.91
C ASP B 186 -3.30 -16.41 -16.78
N CYS B 187 -2.01 -16.17 -16.97
CA CYS B 187 -1.09 -16.75 -15.99
C CYS B 187 -0.85 -15.79 -14.86
N LYS B 188 -0.40 -16.34 -13.74
CA LYS B 188 -0.13 -15.56 -12.56
C LYS B 188 1.00 -14.55 -12.79
N VAL B 189 0.85 -13.38 -12.15
CA VAL B 189 1.79 -12.29 -12.26
C VAL B 189 2.32 -11.95 -10.88
N VAL B 190 3.55 -11.52 -10.85
CA VAL B 190 4.22 -11.04 -9.62
C VAL B 190 4.98 -9.79 -9.98
N GLY B 191 4.71 -8.69 -9.27
CA GLY B 191 5.41 -7.43 -9.45
C GLY B 191 6.13 -7.06 -8.14
N ILE B 192 7.38 -6.55 -8.26
CA ILE B 192 8.13 -6.05 -7.12
C ILE B 192 8.74 -4.69 -7.50
N SER B 193 8.38 -3.66 -6.73
CA SER B 193 9.09 -2.40 -6.72
C SER B 193 10.06 -2.45 -5.52
N MET B 194 11.37 -2.49 -5.81
CA MET B 194 12.35 -2.69 -4.76
C MET B 194 12.52 -1.45 -3.87
N SER B 195 13.21 -1.66 -2.76
CA SER B 195 13.66 -0.64 -1.84
C SER B 195 12.53 -0.24 -0.90
N LYS B 196 12.87 0.52 0.12
CA LYS B 196 11.89 0.98 1.11
C LYS B 196 10.76 1.71 0.43
N LEU B 197 11.12 2.52 -0.60
CA LEU B 197 10.13 3.30 -1.33
C LEU B 197 9.06 2.35 -1.94
N GLY B 198 9.47 1.15 -2.36
CA GLY B 198 8.57 0.20 -3.01
C GLY B 198 7.88 -0.79 -2.09
N LEU B 199 8.06 -0.66 -0.79
CA LEU B 199 7.60 -1.67 0.12
C LEU B 199 6.10 -1.96 -0.09
N ILE B 200 5.30 -0.93 -0.40
CA ILE B 200 3.89 -1.17 -0.59
C ILE B 200 3.56 -2.23 -1.64
N SER B 201 4.40 -2.39 -2.67
CA SER B 201 4.24 -3.46 -3.69
C SER B 201 4.35 -4.86 -3.06
N ARG B 202 5.11 -4.96 -2.00
CA ARG B 202 5.28 -6.23 -1.33
C ARG B 202 4.13 -6.53 -0.36
N THR B 203 3.60 -5.52 0.27
CA THR B 203 2.61 -5.74 1.33
C THR B 203 1.18 -5.79 0.77
N ALA B 204 0.94 -4.94 -0.22
CA ALA B 204 -0.34 -4.87 -0.91
C ALA B 204 -0.30 -5.53 -2.29
N GLN B 205 0.61 -6.49 -2.47
CA GLN B 205 0.70 -7.23 -3.75
C GLN B 205 -0.66 -7.80 -4.22
N GLY B 206 -1.40 -8.36 -3.28
CA GLY B 206 -2.71 -8.98 -3.63
C GLY B 206 -3.79 -8.01 -4.08
N VAL B 207 -3.70 -6.76 -3.61
CA VAL B 207 -4.66 -5.72 -3.97
C VAL B 207 -4.59 -5.50 -5.46
N PHE B 208 -3.40 -5.68 -6.01
CA PHE B 208 -3.15 -5.37 -7.42
C PHE B 208 -3.06 -6.59 -8.29
N GLY B 209 -3.34 -7.73 -7.69
CA GLY B 209 -3.55 -8.97 -8.40
C GLY B 209 -2.33 -9.88 -8.52
N GLY B 210 -1.23 -9.55 -7.83
CA GLY B 210 -0.05 -10.42 -7.85
C GLY B 210 -0.13 -11.61 -6.90
N ALA B 211 0.60 -12.68 -7.26
CA ALA B 211 0.42 -13.99 -6.67
C ALA B 211 1.43 -14.35 -5.57
N LEU B 212 2.60 -13.70 -5.60
CA LEU B 212 3.68 -14.02 -4.64
C LEU B 212 4.23 -12.76 -4.02
N THR B 213 4.74 -12.86 -2.80
CA THR B 213 5.49 -11.75 -2.25
C THR B 213 6.67 -12.38 -1.52
N TYR B 214 7.82 -11.79 -1.70
CA TYR B 214 9.09 -12.35 -1.18
C TYR B 214 9.56 -11.61 0.04
N GLY B 215 9.91 -12.34 1.10
CA GLY B 215 10.53 -11.76 2.27
C GLY B 215 11.71 -12.60 2.74
N CYS B 216 12.20 -12.31 3.95
CA CYS B 216 13.44 -12.89 4.41
C CYS B 216 13.27 -13.61 5.75
N ILE B 217 14.32 -14.33 6.10
CA ILE B 217 14.43 -15.02 7.36
C ILE B 217 15.43 -14.24 8.21
N GLY B 218 16.65 -14.08 7.69
CA GLY B 218 17.65 -13.27 8.35
C GLY B 218 17.64 -11.84 7.85
N GLU B 219 18.76 -11.44 7.23
CA GLU B 219 18.88 -10.13 6.63
C GLU B 219 18.10 -10.15 5.32
N PRO B 220 17.68 -8.96 4.88
CA PRO B 220 17.10 -8.80 3.55
C PRO B 220 18.01 -9.39 2.49
N GLN B 221 17.42 -10.16 1.58
CA GLN B 221 18.14 -10.78 0.49
C GLN B 221 17.91 -9.96 -0.79
N ALA B 222 17.10 -8.91 -0.69
CA ALA B 222 17.02 -7.92 -1.74
C ALA B 222 16.57 -6.60 -1.13
N PRO B 223 16.90 -5.46 -1.76
CA PRO B 223 16.46 -4.16 -1.17
C PRO B 223 14.95 -4.08 -0.95
N GLY B 224 14.56 -3.69 0.27
CA GLY B 224 13.13 -3.59 0.65
C GLY B 224 12.47 -4.80 1.28
N GLN B 225 13.07 -5.98 1.19
CA GLN B 225 12.51 -7.16 1.82
C GLN B 225 12.31 -6.94 3.29
N ILE B 226 11.20 -7.47 3.82
CA ILE B 226 11.04 -7.56 5.28
C ILE B 226 10.91 -9.00 5.72
N ASP B 227 11.00 -9.24 7.03
CA ASP B 227 10.88 -10.62 7.56
C ASP B 227 9.54 -11.25 7.18
N VAL B 228 9.55 -12.53 6.81
CA VAL B 228 8.33 -13.19 6.36
C VAL B 228 7.18 -13.22 7.38
N THR B 229 7.49 -13.29 8.68
CA THR B 229 6.42 -13.22 9.70
C THR B 229 5.65 -11.90 9.65
N ASP B 230 6.37 -10.78 9.55
CA ASP B 230 5.76 -9.44 9.38
C ASP B 230 5.09 -9.35 8.02
N LEU B 231 5.74 -9.90 6.98
CA LEU B 231 5.12 -9.92 5.65
C LEU B 231 3.77 -10.66 5.60
N LYS B 232 3.66 -11.81 6.28
CA LYS B 232 2.43 -12.59 6.26
C LYS B 232 1.28 -11.81 6.92
N ALA B 233 1.59 -11.16 8.03
CA ALA B 233 0.62 -10.31 8.75
C ALA B 233 0.10 -9.18 7.86
N GLN B 234 1.01 -8.58 7.09
CA GLN B 234 0.64 -7.52 6.11
C GLN B 234 -0.28 -8.00 5.03
N VAL B 235 0.11 -9.07 4.35
CA VAL B 235 -0.70 -9.68 3.30
C VAL B 235 -2.16 -10.00 3.76
N THR B 236 -2.29 -10.44 5.01
CA THR B 236 -3.56 -10.84 5.62
C THR B 236 -4.49 -9.63 5.84
N LEU B 237 -3.92 -8.43 5.95
CA LEU B 237 -4.70 -7.20 6.11
C LEU B 237 -5.43 -6.73 4.87
N TYR B 238 -4.96 -7.10 3.66
CA TYR B 238 -5.50 -6.53 2.40
C TYR B 238 -6.53 -7.40 1.70
#